data_2GIS
#
_entry.id   2GIS
#
_cell.length_a   62.901
_cell.length_b   62.901
_cell.length_c   158.967
_cell.angle_alpha   90.00
_cell.angle_beta   90.00
_cell.angle_gamma   90.00
#
_symmetry.space_group_name_H-M   'P 43 21 2'
#
loop_
_entity.id
_entity.type
_entity.pdbx_description
1 polymer 'SAM-I riboswitch'
2 non-polymer 'MAGNESIUM ION'
3 non-polymer 'IRIDIUM HEXAMMINE ION'
4 non-polymer S-ADENOSYLMETHIONINE
5 water water
#
_entity_poly.entity_id   1
_entity_poly.type   'polyribonucleotide'
_entity_poly.pdbx_seq_one_letter_code
;GGCUUAUCAAGAGAGGUGGAGGGACUGGCCCGAUGAAACCCGGCAACCAGAAAUGGUGCCAAUUCCUGCAGCGGAAACGU
UGAAAGAUGAGCCA
;
_entity_poly.pdbx_strand_id   A
#
loop_
_chem_comp.id
_chem_comp.type
_chem_comp.name
_chem_comp.formula
A RNA linking ADENOSINE-5'-MONOPHOSPHATE 'C10 H14 N5 O7 P'
C RNA linking CYTIDINE-5'-MONOPHOSPHATE 'C9 H14 N3 O8 P'
G RNA linking GUANOSINE-5'-MONOPHOSPHATE 'C10 H14 N5 O8 P'
IRI non-polymer 'IRIDIUM HEXAMMINE ION' 'H18 Ir N6 3'
MG non-polymer 'MAGNESIUM ION' 'Mg 2'
SAM non-polymer S-ADENOSYLMETHIONINE 'C15 H22 N6 O5 S'
U RNA linking URIDINE-5'-MONOPHOSPHATE 'C9 H13 N2 O9 P'
#
# COMPACT_ATOMS: atom_id res chain seq x y z
MG MG B . -8.00 -3.40 2.37
MG MG C . -9.69 18.37 -4.12
IR IRI D . 5.17 -5.74 22.34
N1 IRI D . 5.21 -7.89 23.00
N2 IRI D . 6.32 -6.22 20.50
N3 IRI D . 5.04 -3.57 21.73
N4 IRI D . 4.01 -5.24 24.22
N5 IRI D . 3.24 -6.15 21.25
N6 IRI D . 7.10 -5.26 23.39
IR IRI E . 11.49 -11.52 7.80
N1 IRI E . 11.15 -13.71 8.20
N2 IRI E . 12.63 -11.97 5.95
N3 IRI E . 11.73 -9.29 7.46
N4 IRI E . 10.33 -11.04 9.69
N5 IRI E . 9.55 -11.48 6.63
N6 IRI E . 13.40 -11.52 8.98
IR IRI F . 1.42 10.58 12.37
N1 IRI F . 1.64 8.73 11.07
N2 IRI F . -0.54 11.06 11.43
N3 IRI F . 1.29 12.37 13.73
N4 IRI F . 3.42 10.10 13.34
N5 IRI F . 0.41 9.32 13.95
N6 IRI F . 2.47 11.81 10.82
IR IRI G . -1.79 11.57 -9.60
N1 IRI G . -1.48 9.82 -8.22
N2 IRI G . -3.11 10.32 -10.90
N3 IRI G . -2.02 13.38 -10.95
N4 IRI G . -0.47 12.82 -8.30
N5 IRI G . -3.55 12.24 -8.39
N6 IRI G . -0.02 10.98 -10.85
N SAM H . -2.11 -2.95 -7.01
CA SAM H . -2.19 -2.66 -5.58
C SAM H . -2.71 -3.87 -4.84
O SAM H . -2.81 -3.85 -3.62
OXT SAM H . -2.97 -4.91 -5.47
CB SAM H . -3.13 -1.46 -5.33
CG SAM H . -2.86 -0.37 -6.37
SD SAM H . -3.93 1.12 -6.25
CE SAM H . -4.76 0.94 -4.65
C5' SAM H . -5.20 0.53 -7.39
C4' SAM H . -4.97 0.95 -8.85
O4' SAM H . -3.62 0.56 -9.25
C3' SAM H . -5.91 0.04 -9.61
O3' SAM H . -7.12 0.72 -9.88
C2' SAM H . -5.16 -0.26 -10.91
O2' SAM H . -5.58 0.59 -11.97
C1' SAM H . -3.64 -0.05 -10.60
N9 SAM H . -2.86 -1.31 -10.46
C8 SAM H . -1.51 -1.39 -10.54
N7 SAM H . -1.12 -2.62 -10.39
C5 SAM H . -2.19 -3.41 -10.19
C6 SAM H . -2.40 -4.80 -9.96
N6 SAM H . -1.33 -5.66 -9.90
N1 SAM H . -3.66 -5.24 -9.78
C2 SAM H . -4.70 -4.41 -9.82
N3 SAM H . -4.55 -3.12 -10.06
C4 SAM H . -3.34 -2.58 -10.23
#